data_4QJD
#
_entry.id   4QJD
#
_cell.length_a   70.910
_cell.length_b   53.070
_cell.length_c   106.750
_cell.angle_alpha   90.00
_cell.angle_beta   106.86
_cell.angle_gamma   90.00
#
_symmetry.space_group_name_H-M   'P 1 21 1'
#
loop_
_entity.id
_entity.type
_entity.pdbx_description
1 polymer 'Twister RNA sequence'
2 polymer 'Twister RNA sequence'
3 non-polymer 'MAGNESIUM ION'
4 water water
#
loop_
_entity_poly.entity_id
_entity_poly.type
_entity_poly.pdbx_seq_one_letter_code
_entity_poly.pdbx_strand_id
1 'polyribonucleotide' UAUGUAACUCCGCCUAUGUCAUCUUA A,C,E,G
2 'polyribonucleotide' (GTP)UAAAUGAUAUAGCCGGUCCCAAGCCCGGAAAAAGGAGGAGGGUAUA B,D,F,H
#
loop_
_chem_comp.id
_chem_comp.type
_chem_comp.name
_chem_comp.formula
A RNA linking ADENOSINE-5'-MONOPHOSPHATE 'C10 H14 N5 O7 P'
C RNA linking CYTIDINE-5'-MONOPHOSPHATE 'C9 H14 N3 O8 P'
G RNA linking GUANOSINE-5'-MONOPHOSPHATE 'C10 H14 N5 O8 P'
GTP non-polymer GUANOSINE-5'-TRIPHOSPHATE 'C10 H16 N5 O14 P3'
MG non-polymer 'MAGNESIUM ION' 'Mg 2'
U RNA linking URIDINE-5'-MONOPHOSPHATE 'C9 H13 N2 O9 P'
#
# COMPACT_ATOMS: atom_id res chain seq x y z
O3A GTP B 1 13.72 -72.77 37.34
PA GTP B 1 14.41 -71.47 37.37
O2A GTP B 1 14.10 -70.45 36.33
O5' GTP B 1 14.19 -70.80 38.80
C5' GTP B 1 14.93 -71.27 39.95
C4' GTP B 1 15.98 -70.28 40.35
O4' GTP B 1 17.26 -70.98 40.48
C3' GTP B 1 16.23 -69.12 39.37
O3' GTP B 1 16.06 -67.82 39.95
C2' GTP B 1 17.67 -69.33 38.89
O2' GTP B 1 18.42 -68.14 38.83
C1' GTP B 1 18.27 -70.12 40.06
N9 GTP B 1 19.47 -70.90 39.73
C8 GTP B 1 20.53 -71.13 40.56
N7 GTP B 1 21.49 -71.83 40.00
C5 GTP B 1 21.02 -72.07 38.72
C6 GTP B 1 21.62 -72.78 37.63
O6 GTP B 1 22.71 -73.36 37.61
N1 GTP B 1 20.81 -72.77 36.51
C2 GTP B 1 19.58 -72.16 36.42
N2 GTP B 1 18.95 -72.27 35.25
N3 GTP B 1 19.01 -71.50 37.42
C4 GTP B 1 19.78 -71.49 38.53
PG GTP D 1 5.21 43.73 -35.32
O1G GTP D 1 6.12 42.91 -34.42
O2G GTP D 1 5.73 43.98 -36.73
O3G GTP D 1 4.68 44.96 -34.63
O3B GTP D 1 3.88 42.85 -35.61
PB GTP D 1 2.86 42.34 -34.47
O1B GTP D 1 2.08 43.54 -33.99
O2B GTP D 1 2.11 41.14 -35.01
O3A GTP D 1 3.89 41.83 -33.34
PA GTP D 1 4.38 40.29 -33.23
O1A GTP D 1 5.41 40.23 -32.13
O2A GTP D 1 3.13 39.45 -33.19
O5' GTP D 1 5.11 39.89 -34.60
C5' GTP D 1 5.20 38.51 -34.91
C4' GTP D 1 5.42 38.34 -36.39
O4' GTP D 1 5.64 39.61 -37.02
C3' GTP D 1 6.67 37.53 -36.68
O3' GTP D 1 6.54 36.09 -36.63
C2' GTP D 1 7.27 38.15 -37.97
O2' GTP D 1 7.08 37.42 -39.21
C1' GTP D 1 6.74 39.57 -37.95
N9 GTP D 1 7.81 40.49 -37.44
C8 GTP D 1 7.66 41.36 -36.43
N7 GTP D 1 8.82 42.03 -36.17
C5 GTP D 1 9.77 41.58 -37.03
C6 GTP D 1 11.21 41.85 -37.31
O6 GTP D 1 11.85 42.68 -36.69
N1 GTP D 1 11.83 41.18 -38.27
C2 GTP D 1 11.21 40.25 -39.00
N2 GTP D 1 11.92 39.62 -39.97
N3 GTP D 1 9.89 39.97 -38.81
C4 GTP D 1 9.10 40.57 -37.87
PG GTP F 1 -10.59 -17.42 56.03
O1G GTP F 1 -9.63 -17.05 54.91
O2G GTP F 1 -10.71 -16.29 57.04
O3G GTP F 1 -10.42 -18.80 56.63
O3B GTP F 1 -12.04 -17.63 55.32
PB GTP F 1 -13.01 -16.57 54.54
O1B GTP F 1 -12.35 -15.21 54.42
O2B GTP F 1 -14.42 -16.71 55.09
O3A GTP F 1 -13.01 -17.21 53.05
PA GTP F 1 -11.67 -17.30 52.17
O1A GTP F 1 -10.73 -16.19 52.59
O2A GTP F 1 -12.11 -17.44 50.72
O5' GTP F 1 -11.03 -18.69 52.65
C5' GTP F 1 -10.20 -19.40 51.74
C4' GTP F 1 -10.94 -20.66 51.31
O4' GTP F 1 -11.45 -21.32 52.48
C3' GTP F 1 -12.19 -20.44 50.45
O3' GTP F 1 -12.09 -20.06 49.06
C2' GTP F 1 -12.88 -21.78 50.68
O2' GTP F 1 -12.27 -22.86 49.96
C1' GTP F 1 -12.73 -21.93 52.19
N9 GTP F 1 -13.90 -21.22 52.84
C8 GTP F 1 -13.88 -20.11 53.62
N7 GTP F 1 -15.14 -19.72 54.00
C5 GTP F 1 -16.01 -20.60 53.46
C6 GTP F 1 -17.48 -20.79 53.43
O6 GTP F 1 -18.28 -20.05 54.03
N1 GTP F 1 -17.96 -21.83 52.72
C2 GTP F 1 -17.16 -22.65 52.03
N2 GTP F 1 -17.68 -23.68 51.33
N3 GTP F 1 -15.83 -22.52 52.04
C4 GTP F 1 -15.18 -21.55 52.70
O3A GTP H 1 -6.30 43.93 -58.67
PA GTP H 1 -6.23 44.77 -59.89
O2A GTP H 1 -5.34 44.39 -61.01
O5' GTP H 1 -7.71 44.92 -60.45
C5' GTP H 1 -8.06 46.01 -61.35
C4' GTP H 1 -9.32 45.68 -62.12
O4' GTP H 1 -9.06 45.70 -63.55
C3' GTP H 1 -10.00 44.35 -61.81
O3' GTP H 1 -11.37 44.55 -61.46
C2' GTP H 1 -9.69 43.46 -63.02
O2' GTP H 1 -10.76 42.62 -63.41
C1' GTP H 1 -9.46 44.48 -64.14
N9 GTP H 1 -8.45 44.10 -65.12
C8 GTP H 1 -8.48 44.38 -66.47
N7 GTP H 1 -7.43 43.95 -67.11
C5 GTP H 1 -6.64 43.36 -66.12
C6 GTP H 1 -5.37 42.72 -66.22
O6 GTP H 1 -4.67 42.54 -67.23
N1 GTP H 1 -4.93 42.27 -64.98
C2 GTP H 1 -5.62 42.41 -63.80
N2 GTP H 1 -5.03 41.91 -62.72
N3 GTP H 1 -6.80 43.01 -63.69
C4 GTP H 1 -7.25 43.45 -64.89
MG MG I . 20.35 -54.03 32.44
MG MG J . -15.77 -15.11 56.16
MG MG K . -13.00 2.50 -13.84
MG MG L . -25.11 14.25 -38.46
#